data_2X9D
#
_entry.id   2X9D
#
_cell.length_a   68.253
_cell.length_b   68.253
_cell.length_c   179.271
_cell.angle_alpha   90.00
_cell.angle_beta   90.00
_cell.angle_gamma   90.00
#
_symmetry.space_group_name_H-M   'I 41 2 2'
#
loop_
_entity.id
_entity.type
_entity.pdbx_description
1 polymer 'TETRACYCLINE REPRESSOR PROTEIN CLASS D'
2 non-polymer ISO-7-CHLORTETRACYCLINE
3 non-polymer 'CHLORIDE ION'
4 water water
#
_entity_poly.entity_id   1
_entity_poly.type   'polypeptide(L)'
_entity_poly.pdbx_seq_one_letter_code
;SRLNRESVIDAALELLNETGIDGLTTRKLAQKLGIEQPTLYWHVKNKRALLDALAVEILARHHDYSLPAAGESWQSFLRN
NAMSFRRALLRYRDGAKVHLGTRPDEKQYDTVETQLRFMTENGFSLRDGLYAISAVSHFTLGAVLEQQEHTAALTDRPAA
PDENLPPLLREALQIMDSDDGEQAFLHGLESLIRGFEVQLTALLQIV
;
_entity_poly.pdbx_strand_id   A
#
loop_
_chem_comp.id
_chem_comp.type
_chem_comp.name
_chem_comp.formula
CL non-polymer 'CHLORIDE ION' 'Cl -1'
ITC non-polymer ISO-7-CHLORTETRACYCLINE 'C22 H23 Cl N2 O8'
#
# COMPACT_ATOMS: atom_id res chain seq x y z
N SER A 1 -29.63 7.03 0.22
CA SER A 1 -29.43 5.58 -0.09
C SER A 1 -28.94 4.84 1.17
N ARG A 2 -28.55 3.57 1.05
CA ARG A 2 -28.19 2.78 2.24
C ARG A 2 -26.93 3.29 2.91
N LEU A 3 -26.89 3.26 4.25
CA LEU A 3 -25.76 3.81 5.03
C LEU A 3 -25.11 2.78 5.97
N ASN A 4 -25.18 1.50 5.61
CA ASN A 4 -24.35 0.48 6.27
C ASN A 4 -22.88 0.79 5.92
N ARG A 5 -21.94 0.28 6.72
CA ARG A 5 -20.50 0.48 6.48
C ARG A 5 -20.10 0.27 5.03
N GLU A 6 -20.53 -0.83 4.43
CA GLU A 6 -20.11 -1.18 3.08
C GLU A 6 -20.54 -0.11 2.04
N SER A 7 -21.78 0.34 2.17
CA SER A 7 -22.31 1.39 1.31
C SER A 7 -21.59 2.74 1.53
N VAL A 8 -21.30 3.08 2.78
CA VAL A 8 -20.61 4.33 3.11
C VAL A 8 -19.19 4.32 2.55
N ILE A 9 -18.52 3.17 2.63
CA ILE A 9 -17.18 3.04 2.07
C ILE A 9 -17.18 3.09 0.53
N ASP A 10 -18.14 2.39 -0.11
CA ASP A 10 -18.29 2.43 -1.60
C ASP A 10 -18.37 3.84 -2.12
N ALA A 11 -19.29 4.63 -1.57
CA ALA A 11 -19.39 6.06 -1.96
C ALA A 11 -18.09 6.84 -1.70
N ALA A 12 -17.55 6.71 -0.51
CA ALA A 12 -16.31 7.41 -0.11
C ALA A 12 -15.09 7.09 -1.01
N LEU A 13 -14.95 5.82 -1.41
CA LEU A 13 -13.89 5.39 -2.32
C LEU A 13 -14.11 5.91 -3.74
N GLU A 14 -15.36 5.92 -4.17
CA GLU A 14 -15.75 6.47 -5.47
C GLU A 14 -15.48 7.99 -5.48
N LEU A 15 -15.82 8.67 -4.38
CA LEU A 15 -15.59 10.12 -4.22
C LEU A 15 -14.10 10.46 -4.20
N LEU A 16 -13.32 9.61 -3.56
CA LEU A 16 -11.87 9.75 -3.53
C LEU A 16 -11.31 9.80 -4.93
N ASN A 17 -11.77 8.90 -5.80
CA ASN A 17 -11.40 8.95 -7.22
C ASN A 17 -11.76 10.28 -7.89
N GLU A 18 -12.93 10.86 -7.58
CA GLU A 18 -13.30 12.20 -8.08
C GLU A 18 -12.34 13.30 -7.60
N THR A 19 -12.13 13.33 -6.29
CA THR A 19 -11.69 14.52 -5.60
C THR A 19 -10.20 14.53 -5.23
N GLY A 20 -9.67 13.35 -4.92
CA GLY A 20 -8.34 13.21 -4.34
C GLY A 20 -8.47 13.16 -2.83
N ILE A 21 -7.36 13.08 -2.13
CA ILE A 21 -7.40 13.10 -0.67
C ILE A 21 -7.60 14.52 -0.16
N ASP A 22 -6.99 15.51 -0.82
CA ASP A 22 -7.07 16.90 -0.37
C ASP A 22 -8.53 17.35 -0.35
N GLY A 23 -9.23 17.14 -1.48
CA GLY A 23 -10.60 17.65 -1.66
C GLY A 23 -11.74 16.75 -1.23
N LEU A 24 -11.42 15.67 -0.54
CA LEU A 24 -12.44 14.76 0.02
C LEU A 24 -12.94 15.30 1.34
N THR A 25 -14.25 15.50 1.46
CA THR A 25 -14.83 16.04 2.70
C THR A 25 -16.00 15.17 3.13
N THR A 26 -16.41 15.31 4.38
CA THR A 26 -17.61 14.68 4.85
C THR A 26 -18.83 15.33 4.20
N ARG A 27 -18.82 16.65 4.06
CA ARG A 27 -19.97 17.36 3.51
C ARG A 27 -20.31 16.88 2.10
N LYS A 28 -19.29 16.72 1.26
CA LYS A 28 -19.53 16.19 -0.08
C LYS A 28 -19.75 14.66 -0.12
N LEU A 29 -19.35 13.92 0.91
CA LEU A 29 -19.76 12.51 1.03
C LEU A 29 -21.27 12.41 1.34
N ALA A 30 -21.74 13.32 2.18
CA ALA A 30 -23.18 13.53 2.42
C ALA A 30 -23.94 13.84 1.13
N GLN A 31 -23.34 14.68 0.30
CA GLN A 31 -23.90 15.02 -1.01
C GLN A 31 -24.15 13.77 -1.85
N LYS A 32 -23.09 13.00 -2.03
CA LYS A 32 -23.11 11.79 -2.81
C LYS A 32 -24.10 10.75 -2.27
N LEU A 33 -24.30 10.73 -0.95
CA LEU A 33 -25.21 9.78 -0.33
C LEU A 33 -26.68 10.21 -0.34
N GLY A 34 -26.98 11.41 -0.84
CA GLY A 34 -28.34 11.95 -0.81
C GLY A 34 -28.81 12.16 0.63
N ILE A 35 -27.91 12.67 1.48
CA ILE A 35 -28.21 12.84 2.89
C ILE A 35 -27.70 14.16 3.50
N GLU A 36 -28.26 14.53 4.65
CA GLU A 36 -27.79 15.71 5.38
C GLU A 36 -26.57 15.36 6.25
N GLN A 37 -25.67 16.33 6.38
CA GLN A 37 -24.47 16.19 7.21
C GLN A 37 -24.74 15.57 8.59
N PRO A 38 -25.78 16.03 9.30
CA PRO A 38 -25.90 15.40 10.64
C PRO A 38 -26.25 13.91 10.60
N THR A 39 -26.98 13.46 9.59
CA THR A 39 -27.21 12.02 9.37
C THR A 39 -25.90 11.25 9.24
N LEU A 40 -25.04 11.70 8.33
CA LEU A 40 -23.70 11.10 8.11
C LEU A 40 -22.83 11.06 9.36
N TYR A 41 -22.91 12.11 10.18
CA TYR A 41 -22.14 12.18 11.42
C TYR A 41 -22.42 10.99 12.35
N TRP A 42 -23.65 10.48 12.34
CA TRP A 42 -24.04 9.29 13.11
C TRP A 42 -23.20 8.09 12.70
N HIS A 43 -22.92 8.00 11.41
CA HIS A 43 -22.20 6.90 10.81
C HIS A 43 -20.69 7.10 10.79
N VAL A 44 -20.27 8.37 10.69
CA VAL A 44 -18.85 8.74 10.53
C VAL A 44 -18.55 10.08 11.19
N LYS A 45 -17.67 10.06 12.17
CA LYS A 45 -17.51 11.19 13.05
C LYS A 45 -16.72 12.35 12.41
N ASN A 46 -15.79 12.04 11.49
CA ASN A 46 -15.07 13.08 10.72
C ASN A 46 -14.20 12.53 9.56
N LYS A 47 -13.44 13.42 8.92
CA LYS A 47 -12.55 13.05 7.81
C LYS A 47 -11.43 12.09 8.22
N ARG A 48 -10.96 12.21 9.46
CA ARG A 48 -9.91 11.32 9.97
C ARG A 48 -10.44 9.91 10.17
N ALA A 49 -11.67 9.80 10.71
CA ALA A 49 -12.33 8.51 10.87
C ALA A 49 -12.50 7.85 9.52
N LEU A 50 -12.97 8.63 8.55
CA LEU A 50 -13.24 8.14 7.21
C LEU A 50 -11.99 7.58 6.53
N LEU A 51 -10.91 8.35 6.52
CA LEU A 51 -9.65 7.96 5.83
C LEU A 51 -9.04 6.71 6.45
N ASP A 52 -9.08 6.64 7.78
CA ASP A 52 -8.71 5.44 8.53
C ASP A 52 -9.46 4.22 8.02
N ALA A 53 -10.78 4.33 7.87
CA ALA A 53 -11.58 3.23 7.35
C ALA A 53 -11.30 2.95 5.87
N LEU A 54 -11.02 3.98 5.08
CA LEU A 54 -10.72 3.78 3.66
C LEU A 54 -9.38 3.06 3.50
N ALA A 55 -8.40 3.42 4.34
CA ALA A 55 -7.07 2.78 4.36
C ALA A 55 -7.14 1.28 4.66
N VAL A 56 -7.95 0.92 5.64
CA VAL A 56 -8.22 -0.48 5.99
C VAL A 56 -8.98 -1.20 4.88
N GLU A 57 -10.01 -0.56 4.38
CA GLU A 57 -10.80 -1.15 3.31
C GLU A 57 -10.05 -1.28 1.97
N ILE A 58 -9.04 -0.45 1.73
CA ILE A 58 -8.28 -0.56 0.48
C ILE A 58 -7.44 -1.85 0.51
N LEU A 59 -6.88 -2.19 1.68
CA LEU A 59 -6.16 -3.43 1.84
C LEU A 59 -7.10 -4.64 1.72
N ALA A 60 -8.15 -4.67 2.52
CA ALA A 60 -9.08 -5.82 2.57
C ALA A 60 -9.66 -6.17 1.21
N ARG A 61 -10.03 -5.14 0.47
CA ARG A 61 -10.71 -5.32 -0.81
C ARG A 61 -9.81 -5.75 -1.94
N HIS A 62 -8.57 -5.24 -1.97
CA HIS A 62 -7.74 -5.27 -3.16
C HIS A 62 -6.32 -5.85 -3.02
N HIS A 63 -5.82 -5.95 -1.78
CA HIS A 63 -4.52 -6.56 -1.48
C HIS A 63 -4.75 -8.04 -1.14
N ASP A 64 -4.77 -8.90 -2.15
CA ASP A 64 -5.15 -10.29 -1.95
C ASP A 64 -3.99 -11.28 -1.91
N TYR A 65 -2.77 -10.81 -2.08
CA TYR A 65 -1.59 -11.63 -1.82
C TYR A 65 -0.93 -11.08 -0.54
N SER A 66 -1.63 -11.27 0.59
CA SER A 66 -1.12 -10.91 1.89
C SER A 66 -0.46 -12.12 2.53
N LEU A 67 -0.66 -13.29 1.93
CA LEU A 67 -0.22 -14.55 2.52
C LEU A 67 0.57 -15.42 1.56
N PRO A 68 1.59 -16.14 2.07
CA PRO A 68 2.37 -17.08 1.25
C PRO A 68 1.59 -18.29 0.78
N ALA A 69 1.79 -18.70 -0.46
CA ALA A 69 1.31 -19.98 -0.91
C ALA A 69 2.07 -21.05 -0.14
N ALA A 70 1.36 -22.13 0.20
CA ALA A 70 1.99 -23.28 0.86
C ALA A 70 3.16 -23.71 -0.02
N GLY A 71 4.33 -23.84 0.58
CA GLY A 71 5.56 -24.16 -0.14
C GLY A 71 6.33 -22.99 -0.75
N GLU A 72 5.74 -21.80 -0.81
CA GLU A 72 6.40 -20.66 -1.46
C GLU A 72 7.71 -20.27 -0.75
N SER A 73 8.76 -20.05 -1.56
CA SER A 73 10.00 -19.43 -1.08
C SER A 73 9.71 -18.07 -0.49
N TRP A 74 10.51 -17.62 0.49
CA TRP A 74 10.27 -16.31 1.12
C TRP A 74 10.46 -15.18 0.10
N GLN A 75 11.48 -15.33 -0.72
CA GLN A 75 11.72 -14.45 -1.87
C GLN A 75 10.45 -14.19 -2.69
N SER A 76 9.87 -15.27 -3.19
CA SER A 76 8.69 -15.17 -4.06
C SER A 76 7.51 -14.53 -3.31
N PHE A 77 7.36 -14.82 -2.01
CA PHE A 77 6.31 -14.18 -1.19
C PHE A 77 6.48 -12.68 -1.09
N LEU A 78 7.70 -12.19 -0.86
CA LEU A 78 7.92 -10.77 -0.75
C LEU A 78 7.62 -10.10 -2.11
N ARG A 79 8.03 -10.75 -3.20
CA ARG A 79 7.72 -10.32 -4.58
C ARG A 79 6.21 -10.13 -4.83
N ASN A 80 5.45 -11.21 -4.73
CA ASN A 80 4.00 -11.19 -4.94
C ASN A 80 3.26 -10.23 -4.00
N ASN A 81 3.70 -10.20 -2.74
CA ASN A 81 3.15 -9.31 -1.72
C ASN A 81 3.45 -7.85 -2.06
N ALA A 82 4.67 -7.59 -2.53
CA ALA A 82 5.02 -6.23 -2.91
C ALA A 82 4.14 -5.78 -4.08
N MET A 83 3.98 -6.65 -5.07
CA MET A 83 3.19 -6.33 -6.27
C MET A 83 1.73 -6.05 -5.95
N SER A 84 1.16 -6.90 -5.09
CA SER A 84 -0.21 -6.77 -4.62
C SER A 84 -0.42 -5.46 -3.86
N PHE A 85 0.48 -5.17 -2.90
CA PHE A 85 0.41 -3.92 -2.11
C PHE A 85 0.41 -2.70 -3.01
N ARG A 86 1.39 -2.67 -3.92
CA ARG A 86 1.48 -1.61 -4.94
C ARG A 86 0.16 -1.40 -5.70
N ARG A 87 -0.36 -2.47 -6.28
CA ARG A 87 -1.61 -2.46 -7.07
C ARG A 87 -2.83 -2.00 -6.26
N ALA A 88 -2.93 -2.47 -5.02
CA ALA A 88 -3.96 -1.96 -4.10
C ALA A 88 -3.80 -0.45 -3.83
N LEU A 89 -2.55 0.02 -3.66
CA LEU A 89 -2.26 1.46 -3.50
C LEU A 89 -2.57 2.23 -4.79
N LEU A 90 -2.27 1.64 -5.95
CA LEU A 90 -2.56 2.26 -7.23
C LEU A 90 -4.05 2.30 -7.63
N ARG A 91 -4.89 1.44 -7.05
CA ARG A 91 -6.28 1.33 -7.53
C ARG A 91 -7.13 2.58 -7.28
N TYR A 92 -6.80 3.37 -6.26
CA TYR A 92 -7.49 4.63 -6.01
C TYR A 92 -6.56 5.83 -6.06
N ARG A 93 -7.14 6.98 -6.37
CA ARG A 93 -6.42 8.23 -6.40
C ARG A 93 -6.00 8.56 -4.98
N ASP A 94 -4.74 8.96 -4.84
CA ASP A 94 -4.19 9.29 -3.53
C ASP A 94 -4.24 8.15 -2.53
N GLY A 95 -4.26 6.91 -3.03
CA GLY A 95 -4.35 5.75 -2.17
C GLY A 95 -3.13 5.51 -1.28
N ALA A 96 -1.92 5.81 -1.78
CA ALA A 96 -0.71 5.81 -0.94
C ALA A 96 -0.82 6.82 0.19
N LYS A 97 -1.34 8.01 -0.16
CA LYS A 97 -1.61 9.09 0.79
C LYS A 97 -2.75 8.78 1.77
N VAL A 98 -3.68 7.91 1.37
CA VAL A 98 -4.72 7.42 2.25
C VAL A 98 -4.10 6.39 3.20
N HIS A 99 -3.22 5.54 2.66
CA HIS A 99 -2.56 4.53 3.47
C HIS A 99 -1.56 5.10 4.50
N LEU A 100 -0.77 6.10 4.09
CA LEU A 100 0.19 6.83 4.98
C LEU A 100 -0.45 7.28 6.30
N GLY A 101 0.14 6.87 7.42
CA GLY A 101 -0.36 7.29 8.74
C GLY A 101 -1.50 6.48 9.32
N THR A 102 -1.45 5.16 9.09
CA THR A 102 -2.29 4.20 9.79
C THR A 102 -1.42 2.97 10.02
N ARG A 103 -1.73 2.19 11.05
CA ARG A 103 -1.07 0.90 11.23
C ARG A 103 -2.11 -0.14 10.84
N PRO A 104 -1.72 -1.43 10.74
CA PRO A 104 -2.70 -2.47 10.50
C PRO A 104 -3.84 -2.42 11.49
N ASP A 105 -5.05 -2.70 10.98
CA ASP A 105 -6.23 -2.76 11.82
C ASP A 105 -6.24 -4.12 12.46
N GLU A 106 -6.92 -4.23 13.62
CA GLU A 106 -7.11 -5.51 14.31
C GLU A 106 -7.29 -6.61 13.28
N LYS A 107 -8.31 -6.42 12.44
CA LYS A 107 -8.72 -7.38 11.40
C LYS A 107 -7.61 -8.07 10.62
N GLN A 108 -6.46 -7.40 10.48
CA GLN A 108 -5.31 -7.97 9.76
C GLN A 108 -4.07 -8.23 10.62
N TYR A 109 -4.21 -8.18 11.96
CA TYR A 109 -3.08 -8.33 12.86
C TYR A 109 -2.45 -9.67 12.63
N ASP A 110 -3.30 -10.69 12.55
CA ASP A 110 -2.86 -12.07 12.40
C ASP A 110 -2.19 -12.32 11.05
N THR A 111 -2.54 -11.49 10.07
CA THR A 111 -1.94 -11.55 8.73
C THR A 111 -0.50 -10.97 8.79
N VAL A 112 -0.29 -9.83 9.43
CA VAL A 112 1.06 -9.31 9.60
C VAL A 112 1.85 -10.23 10.54
N GLU A 113 1.16 -10.81 11.52
CA GLU A 113 1.74 -11.82 12.39
C GLU A 113 2.25 -13.02 11.60
N THR A 114 1.40 -13.54 10.70
CA THR A 114 1.77 -14.69 9.88
C THR A 114 2.95 -14.38 8.95
N GLN A 115 2.91 -13.22 8.30
CA GLN A 115 4.02 -12.71 7.47
C GLN A 115 5.35 -12.77 8.26
N LEU A 116 5.35 -12.21 9.47
CA LEU A 116 6.55 -12.15 10.32
C LEU A 116 7.06 -13.52 10.77
N ARG A 117 6.12 -14.38 11.17
CA ARG A 117 6.38 -15.77 11.53
C ARG A 117 7.01 -16.56 10.37
N PHE A 118 6.36 -16.47 9.22
CA PHE A 118 6.84 -17.08 7.98
C PHE A 118 8.30 -16.76 7.68
N MET A 119 8.69 -15.49 7.89
CA MET A 119 10.06 -15.06 7.68
C MET A 119 11.01 -15.68 8.71
N THR A 120 10.66 -15.61 9.98
CA THR A 120 11.44 -16.30 11.01
C THR A 120 11.61 -17.80 10.73
N GLU A 121 10.60 -18.41 10.09
CA GLU A 121 10.68 -19.84 9.73
C GLU A 121 11.67 -20.12 8.59
N ASN A 122 12.05 -19.09 7.85
CA ASN A 122 13.01 -19.20 6.75
C ASN A 122 14.40 -18.65 7.04
N GLY A 123 14.81 -18.61 8.30
CA GLY A 123 16.19 -18.22 8.67
C GLY A 123 16.40 -16.76 9.08
N PHE A 124 15.32 -15.98 9.15
CA PHE A 124 15.41 -14.61 9.66
C PHE A 124 15.18 -14.59 11.18
N SER A 125 15.97 -13.80 11.90
CA SER A 125 15.55 -13.34 13.23
C SER A 125 14.28 -12.51 13.03
N LEU A 126 13.61 -12.17 14.12
CA LEU A 126 12.36 -11.42 14.03
C LEU A 126 12.66 -10.01 13.53
N ARG A 127 13.83 -9.51 13.93
CA ARG A 127 14.31 -8.19 13.61
C ARG A 127 14.65 -8.05 12.12
N ASP A 128 15.52 -8.92 11.62
CA ASP A 128 15.92 -8.90 10.23
C ASP A 128 14.76 -9.27 9.33
N GLY A 129 13.82 -10.04 9.90
CA GLY A 129 12.61 -10.39 9.20
C GLY A 129 11.76 -9.16 9.06
N LEU A 130 11.64 -8.42 10.17
CA LEU A 130 10.92 -7.13 10.16
C LEU A 130 11.58 -6.11 9.23
N TYR A 131 12.88 -5.92 9.36
CA TYR A 131 13.59 -4.96 8.50
C TYR A 131 13.39 -5.22 6.98
N ALA A 132 13.32 -6.49 6.57
CA ALA A 132 13.16 -6.82 5.16
C ALA A 132 11.73 -6.51 4.69
N ILE A 133 10.76 -6.89 5.50
CA ILE A 133 9.35 -6.56 5.24
C ILE A 133 9.04 -5.06 5.30
N SER A 134 9.60 -4.36 6.27
CA SER A 134 9.45 -2.91 6.35
C SER A 134 10.07 -2.29 5.09
N ALA A 135 11.26 -2.77 4.72
CA ALA A 135 11.96 -2.26 3.53
C ALA A 135 11.12 -2.40 2.26
N VAL A 136 10.52 -3.58 2.08
CA VAL A 136 9.63 -3.79 0.98
C VAL A 136 8.51 -2.74 1.03
N SER A 137 7.91 -2.57 2.20
CA SER A 137 6.80 -1.63 2.41
C SER A 137 7.16 -0.16 2.15
N HIS A 138 8.35 0.26 2.54
CA HIS A 138 8.76 1.66 2.37
C HIS A 138 9.16 1.96 0.92
N PHE A 139 9.91 1.04 0.30
CA PHE A 139 10.20 1.09 -1.15
C PHE A 139 8.92 1.13 -1.94
N THR A 140 7.98 0.23 -1.64
CA THR A 140 6.76 0.13 -2.39
C THR A 140 5.93 1.40 -2.21
N LEU A 141 5.76 1.85 -0.96
CA LEU A 141 5.01 3.09 -0.65
C LEU A 141 5.60 4.29 -1.34
N GLY A 142 6.93 4.43 -1.29
CA GLY A 142 7.58 5.58 -1.89
C GLY A 142 7.42 5.61 -3.40
N ALA A 143 7.61 4.45 -4.06
CA ALA A 143 7.42 4.35 -5.51
C ALA A 143 5.97 4.66 -5.95
N VAL A 144 4.97 4.24 -5.19
CA VAL A 144 3.60 4.57 -5.56
C VAL A 144 3.27 6.05 -5.33
N LEU A 145 3.69 6.57 -4.18
CA LEU A 145 3.53 7.99 -3.88
C LEU A 145 4.11 8.87 -4.98
N GLU A 146 5.33 8.59 -5.40
CA GLU A 146 6.02 9.39 -6.41
C GLU A 146 5.33 9.27 -7.77
N GLN A 147 4.99 8.05 -8.12
CA GLN A 147 4.22 7.76 -9.32
C GLN A 147 2.90 8.53 -9.33
N GLN A 148 2.09 8.30 -8.30
CA GLN A 148 0.73 8.86 -8.20
C GLN A 148 0.74 10.38 -8.08
N GLU A 149 1.88 10.95 -7.69
CA GLU A 149 1.96 12.39 -7.48
C GLU A 149 2.51 13.09 -8.71
N HIS A 150 3.35 12.40 -9.47
CA HIS A 150 3.81 12.87 -10.76
C HIS A 150 2.66 12.95 -11.78
N THR A 151 1.52 12.37 -11.44
CA THR A 151 0.24 12.67 -12.10
C THR A 151 -0.35 13.91 -11.43
N ASN A 164 14.63 22.47 -20.97
CA ASN A 164 16.08 22.80 -20.76
C ASN A 164 16.82 21.73 -19.99
N LEU A 165 16.37 20.48 -20.10
CA LEU A 165 16.95 19.39 -19.33
C LEU A 165 18.34 19.05 -19.85
N PRO A 166 19.27 18.69 -18.93
CA PRO A 166 20.55 18.17 -19.39
C PRO A 166 20.38 16.76 -19.96
N PRO A 167 21.30 16.34 -20.85
CA PRO A 167 21.08 15.14 -21.68
C PRO A 167 20.70 13.85 -20.91
N LEU A 168 21.48 13.46 -19.90
CA LEU A 168 21.16 12.23 -19.15
C LEU A 168 19.85 12.31 -18.35
N LEU A 169 19.55 13.52 -17.83
CA LEU A 169 18.29 13.77 -17.13
C LEU A 169 17.09 13.74 -18.07
N ARG A 170 17.23 14.39 -19.22
CA ARG A 170 16.17 14.40 -20.23
C ARG A 170 15.79 12.96 -20.57
N GLU A 171 16.83 12.13 -20.75
CA GLU A 171 16.64 10.76 -21.18
C GLU A 171 16.14 9.87 -20.02
N ALA A 172 16.51 10.21 -18.79
CA ALA A 172 16.05 9.48 -17.61
C ALA A 172 14.56 9.74 -17.34
N LEU A 173 14.15 10.99 -17.46
CA LEU A 173 12.76 11.38 -17.27
C LEU A 173 11.84 10.89 -18.41
N GLN A 174 12.43 10.61 -19.59
CA GLN A 174 11.68 9.93 -20.65
C GLN A 174 11.46 8.45 -20.29
N ILE A 175 12.44 7.84 -19.63
CA ILE A 175 12.34 6.45 -19.17
C ILE A 175 11.45 6.30 -17.91
N MET A 176 11.30 7.36 -17.13
CA MET A 176 10.43 7.29 -15.94
C MET A 176 8.94 7.43 -16.33
N ASP A 177 8.65 8.27 -17.32
CA ASP A 177 7.28 8.49 -17.78
C ASP A 177 6.84 7.50 -18.86
N SER A 178 7.74 6.61 -19.29
CA SER A 178 7.40 5.62 -20.31
C SER A 178 6.58 4.43 -19.78
N ASP A 179 6.20 4.47 -18.50
CA ASP A 179 5.22 3.54 -17.94
C ASP A 179 4.65 4.12 -16.64
N ASP A 180 3.94 3.29 -15.86
CA ASP A 180 3.35 3.72 -14.60
C ASP A 180 4.26 3.50 -13.37
N GLY A 181 5.57 3.41 -13.58
CA GLY A 181 6.49 3.13 -12.50
C GLY A 181 6.80 1.65 -12.35
N GLU A 182 6.16 0.81 -13.17
CA GLU A 182 6.26 -0.64 -13.00
C GLU A 182 7.67 -1.16 -13.20
N GLN A 183 8.24 -0.82 -14.34
CA GLN A 183 9.60 -1.29 -14.68
C GLN A 183 10.59 -0.98 -13.55
N ALA A 184 10.70 0.30 -13.21
CA ALA A 184 11.64 0.78 -12.19
C ALA A 184 11.40 0.13 -10.84
N PHE A 185 10.12 -0.05 -10.51
CA PHE A 185 9.72 -0.66 -9.26
C PHE A 185 10.11 -2.14 -9.15
N LEU A 186 9.92 -2.89 -10.23
CA LEU A 186 10.13 -4.33 -10.21
C LEU A 186 11.62 -4.67 -10.27
N HIS A 187 12.39 -3.85 -11.00
CA HIS A 187 13.85 -3.95 -11.02
C HIS A 187 14.45 -3.73 -9.61
N GLY A 188 14.09 -2.62 -8.96
CA GLY A 188 14.53 -2.37 -7.58
C GLY A 188 13.93 -3.30 -6.51
N LEU A 189 12.79 -3.90 -6.80
CA LEU A 189 12.24 -4.95 -5.94
C LEU A 189 13.20 -6.16 -5.89
N GLU A 190 13.71 -6.57 -7.05
CA GLU A 190 14.68 -7.66 -7.15
C GLU A 190 16.03 -7.36 -6.52
N SER A 191 16.48 -6.11 -6.62
CA SER A 191 17.68 -5.69 -5.91
C SER A 191 17.52 -5.85 -4.39
N LEU A 192 16.37 -5.46 -3.87
CA LEU A 192 16.04 -5.52 -2.45
C LEU A 192 16.02 -6.99 -1.97
N ILE A 193 15.32 -7.86 -2.68
CA ILE A 193 15.17 -9.26 -2.26
C ILE A 193 16.49 -10.04 -2.26
N ARG A 194 17.31 -9.84 -3.30
CA ARG A 194 18.64 -10.43 -3.36
C ARG A 194 19.56 -9.89 -2.27
N GLY A 195 19.45 -8.58 -2.05
CA GLY A 195 20.17 -7.92 -0.96
C GLY A 195 19.87 -8.56 0.38
N PHE A 196 18.58 -8.78 0.65
CA PHE A 196 18.10 -9.54 1.82
C PHE A 196 18.70 -10.93 1.85
N GLU A 197 18.69 -11.60 0.72
CA GLU A 197 19.20 -12.97 0.67
C GLU A 197 20.69 -13.01 0.92
N VAL A 198 21.41 -12.02 0.42
CA VAL A 198 22.85 -11.94 0.70
C VAL A 198 23.09 -11.75 2.20
N GLN A 199 22.30 -10.91 2.82
CA GLN A 199 22.30 -10.80 4.29
C GLN A 199 21.95 -12.11 4.99
N LEU A 200 20.82 -12.72 4.61
CA LEU A 200 20.38 -13.97 5.24
C LEU A 200 21.46 -15.07 5.18
N THR A 201 21.91 -15.34 3.95
CA THR A 201 22.82 -16.44 3.64
C THR A 201 24.17 -16.39 4.39
N ALA A 202 24.67 -15.18 4.68
CA ALA A 202 25.99 -15.03 5.33
C ALA A 202 26.03 -15.45 6.82
N LEU A 203 24.87 -15.59 7.45
CA LEU A 203 24.79 -15.87 8.88
C LEU A 203 25.65 -14.90 9.71
N LEU A 204 26.76 -15.40 10.29
CA LEU A 204 27.64 -14.60 11.15
C LEU A 204 28.95 -14.18 10.47
N GLN A 205 29.18 -14.66 9.25
CA GLN A 205 30.35 -14.22 8.47
C GLN A 205 30.26 -12.74 8.12
N ILE A 206 31.43 -12.11 7.95
CA ILE A 206 31.50 -10.72 7.49
C ILE A 206 31.16 -10.70 6.02
N VAL A 207 30.31 -9.77 5.62
CA VAL A 207 29.77 -9.77 4.28
C VAL A 207 29.72 -8.34 3.77
C1 ITC B . 0.63 -4.51 5.49
O1 ITC B . -0.15 -4.14 6.39
C2 ITC B . 0.44 -5.77 4.80
C2' ITC B . -0.89 -6.43 4.77
O2' ITC B . -1.06 -7.46 4.12
N2' ITC B . -1.89 -5.99 5.55
C3 ITC B . 1.51 -6.34 4.16
O3 ITC B . 1.35 -7.47 3.48
C4 ITC B . 2.92 -5.80 4.23
N4 ITC B . 3.60 -5.95 2.93
C4' ITC B . 3.39 -4.86 1.96
C4D ITC B . 5.02 -6.20 3.20
C4A ITC B . 3.07 -4.42 4.92
C5 ITC B . 3.63 -4.63 6.34
C5A ITC B . 3.80 -3.33 7.12
C6 ITC B . 4.37 -3.47 8.56
O6 ITC B . 3.46 -4.17 9.41
C6' ITC B . 5.70 -4.23 8.65
C6A ITC B . 4.44 -2.10 9.18
C7 ITC B . 5.16 -0.95 8.81
CL7 ITC B . 6.25 -0.93 7.42
C8 ITC B . 5.03 0.23 9.55
C9 ITC B . 4.18 0.27 10.65
C10 ITC B . 3.44 -0.87 10.99
O10 ITC B . 2.61 -0.86 12.03
C6B ITC B . 3.60 -2.03 10.26
O11 ITC B . 2.04 -3.54 11.37
C5B ITC B . 2.46 -2.64 7.11
C12 ITC B . 1.98 -2.42 5.86
O12 ITC B . 1.83 -1.21 5.39
C4B ITC B . 1.77 -3.61 4.97
O4B ITC B . 1.50 -3.17 3.65
C11 ITC B . 2.92 -3.32 10.46
CL CL C . -29.38 2.81 6.08
CL CL D . 8.60 -20.26 -4.69
CL CL E . -22.04 -3.48 6.18
CL CL F . 10.45 -7.70 -9.21
#